data_7DVX
#
_entry.id   7DVX
#
_cell.length_a   98.626
_cell.length_b   82.546
_cell.length_c   51.729
_cell.angle_alpha   90.000
_cell.angle_beta   115.480
_cell.angle_gamma   90.000
#
_symmetry.space_group_name_H-M   'C 1 2 1'
#
loop_
_entity.id
_entity.type
_entity.pdbx_description
1 polymer '3C-like proteinase'
2 polymer 'nsp6/7 peptidyl substrate'
3 water water
#
loop_
_entity_poly.entity_id
_entity_poly.type
_entity_poly.pdbx_seq_one_letter_code
_entity_poly.pdbx_strand_id
1 'polypeptide(L)'
;SGFRKMAFPSGKVEGCMVQVTCGTTTLNGLWLDDVVYCPRAVICTSEDMLNPNYEDLLIRKSNHNFLVQAGNVQLRVIGH
SMQNCVLKLKVDTANPKTPKYKFVRIQPGQTFSVLACYNGSPSGVYQCAMRPNFTIKGSFLNGSCGSVGFNIDYDCVSFC
YMHHMELPTGVHAGTDLEGNFYGPFVDRQTAQAAGTDTTITVNVLAWLYAAVINGDRWFLNRFTTTLNDFNLVAMKYNYE
PLTQDHVDILGPLSAQTGIAVLDMCASLKELLQNGMNGRTILGSALLEDEFTPFDVVRQCSGVTFQ
;
A
2 'polypeptide(L)' KPCIKVATVQSKMSDVKCTS C
#
# COMPACT_ATOMS: atom_id res chain seq x y z
N SER A 1 1.28 23.47 11.30
CA SER A 1 2.09 23.51 10.08
C SER A 1 3.00 22.28 10.02
N GLY A 2 3.71 22.14 8.91
CA GLY A 2 4.52 20.97 8.64
C GLY A 2 3.77 19.96 7.78
N PHE A 3 4.53 19.13 7.08
CA PHE A 3 3.94 18.09 6.25
C PHE A 3 4.83 16.86 6.30
N ARG A 4 4.27 15.75 6.79
CA ARG A 4 5.00 14.51 6.99
C ARG A 4 4.27 13.36 6.30
N LYS A 5 5.03 12.34 5.91
CA LYS A 5 4.42 11.09 5.50
C LYS A 5 3.84 10.43 6.74
N MET A 6 2.52 10.50 6.88
CA MET A 6 1.83 10.12 8.09
C MET A 6 1.04 8.83 7.87
N ALA A 7 1.23 7.88 8.76
CA ALA A 7 0.47 6.62 8.73
C ALA A 7 -0.70 6.71 9.70
N PHE A 8 -1.65 5.80 9.52
CA PHE A 8 -2.73 5.73 10.49
C PHE A 8 -2.23 5.08 11.79
N PRO A 9 -2.80 5.45 12.93
CA PRO A 9 -2.49 4.73 14.17
C PRO A 9 -2.79 3.26 14.00
N SER A 10 -1.84 2.41 14.40
CA SER A 10 -1.85 1.00 14.02
C SER A 10 -2.47 0.08 15.06
N GLY A 11 -2.90 0.60 16.20
CA GLY A 11 -3.30 -0.26 17.30
C GLY A 11 -4.43 -1.22 16.96
N LYS A 12 -5.43 -0.74 16.22
CA LYS A 12 -6.55 -1.60 15.86
C LYS A 12 -6.10 -2.80 15.04
N VAL A 13 -5.05 -2.62 14.23
CA VAL A 13 -4.53 -3.72 13.44
C VAL A 13 -3.60 -4.60 14.26
N GLU A 14 -2.82 -3.98 15.16
CA GLU A 14 -1.94 -4.76 16.03
C GLU A 14 -2.71 -5.83 16.79
N GLY A 15 -3.91 -5.50 17.26
CA GLY A 15 -4.72 -6.45 18.00
C GLY A 15 -5.18 -7.65 17.20
N CYS A 16 -4.93 -7.67 15.89
CA CYS A 16 -5.39 -8.74 15.02
C CYS A 16 -4.27 -9.58 14.45
N MET A 17 -3.02 -9.22 14.68
CA MET A 17 -1.91 -9.94 14.08
C MET A 17 -1.58 -11.20 14.87
N VAL A 18 -1.43 -12.32 14.17
CA VAL A 18 -1.08 -13.61 14.75
C VAL A 18 0.02 -14.24 13.92
N GLN A 19 0.60 -15.31 14.45
CA GLN A 19 1.59 -16.09 13.74
C GLN A 19 0.97 -17.40 13.27
N VAL A 20 1.26 -17.77 12.02
CA VAL A 20 0.76 -19.01 11.43
C VAL A 20 1.96 -19.85 11.01
N THR A 21 2.01 -21.09 11.48
CA THR A 21 3.08 -22.01 11.12
C THR A 21 2.47 -23.29 10.57
N CYS A 22 3.00 -23.76 9.45
CA CYS A 22 2.64 -25.05 8.87
C CYS A 22 3.93 -25.75 8.49
N GLY A 23 4.33 -26.74 9.29
CA GLY A 23 5.61 -27.38 9.06
C GLY A 23 6.74 -26.47 9.51
N THR A 24 7.72 -26.27 8.63
CA THR A 24 8.87 -25.44 8.91
C THR A 24 8.76 -24.05 8.27
N THR A 25 7.58 -23.69 7.78
CA THR A 25 7.32 -22.37 7.21
C THR A 25 6.44 -21.58 8.18
N THR A 26 6.80 -20.32 8.42
CA THR A 26 6.01 -19.46 9.28
C THR A 26 5.85 -18.09 8.62
N LEU A 27 4.77 -17.41 8.98
CA LEU A 27 4.47 -16.07 8.48
C LEU A 27 3.38 -15.48 9.37
N ASN A 28 2.85 -14.34 8.95
CA ASN A 28 1.87 -13.59 9.73
C ASN A 28 0.45 -13.86 9.23
N GLY A 29 -0.51 -13.79 10.15
CA GLY A 29 -1.91 -13.91 9.82
C GLY A 29 -2.71 -12.78 10.43
N LEU A 30 -3.90 -12.58 9.89
CA LEU A 30 -4.83 -11.52 10.33
C LEU A 30 -6.07 -12.20 10.91
N TRP A 31 -6.27 -12.02 12.21
CA TRP A 31 -7.31 -12.72 12.96
C TRP A 31 -8.49 -11.78 13.18
N LEU A 32 -9.58 -12.01 12.44
CA LEU A 32 -10.81 -11.22 12.54
C LEU A 32 -11.96 -12.15 12.84
N ASP A 33 -12.70 -11.87 13.91
CA ASP A 33 -13.78 -12.74 14.39
C ASP A 33 -13.16 -14.12 14.59
N ASP A 34 -13.74 -15.20 14.06
CA ASP A 34 -13.19 -16.54 14.25
C ASP A 34 -12.48 -17.06 13.00
N VAL A 35 -11.88 -16.18 12.19
CA VAL A 35 -11.18 -16.58 10.99
C VAL A 35 -9.80 -15.91 10.98
N VAL A 36 -8.79 -16.69 10.61
CA VAL A 36 -7.42 -16.18 10.41
C VAL A 36 -7.12 -16.23 8.92
N TYR A 37 -6.80 -15.08 8.34
CA TYR A 37 -6.46 -14.96 6.94
C TYR A 37 -4.96 -14.89 6.80
N CYS A 38 -4.40 -15.65 5.88
CA CYS A 38 -2.95 -15.65 5.70
C CYS A 38 -2.63 -16.06 4.28
N PRO A 39 -1.42 -15.76 3.81
CA PRO A 39 -1.03 -16.16 2.46
C PRO A 39 -0.92 -17.67 2.35
N ARG A 40 -1.41 -18.21 1.24
CA ARG A 40 -1.35 -19.66 1.04
C ARG A 40 0.08 -20.18 0.95
N ALA A 41 1.05 -19.29 0.77
CA ALA A 41 2.46 -19.70 0.71
C ALA A 41 2.92 -20.38 2.00
N VAL A 42 2.16 -20.27 3.08
CA VAL A 42 2.56 -20.89 4.34
C VAL A 42 2.63 -22.42 4.22
N ILE A 43 1.97 -23.01 3.22
CA ILE A 43 1.95 -24.47 3.10
C ILE A 43 3.09 -24.96 2.22
N CYS A 44 3.99 -24.07 1.81
CA CYS A 44 5.07 -24.42 0.91
C CYS A 44 6.42 -24.43 1.62
N THR A 45 7.27 -25.38 1.20
CA THR A 45 8.67 -25.41 1.56
C THR A 45 9.48 -24.71 0.46
N SER A 46 10.79 -24.62 0.66
CA SER A 46 11.64 -23.91 -0.29
C SER A 46 11.63 -24.58 -1.66
N GLU A 47 11.62 -25.92 -1.69
CA GLU A 47 11.61 -26.62 -2.98
C GLU A 47 10.26 -26.53 -3.67
N ASP A 48 9.17 -26.40 -2.91
CA ASP A 48 7.85 -26.22 -3.50
C ASP A 48 7.74 -24.93 -4.30
N MET A 49 8.68 -24.00 -4.14
CA MET A 49 8.41 -22.61 -4.50
C MET A 49 8.54 -22.30 -5.99
N LEU A 50 9.32 -23.08 -6.74
CA LEU A 50 9.39 -22.81 -8.18
C LEU A 50 8.08 -23.16 -8.87
N ASN A 51 7.49 -24.30 -8.51
CA ASN A 51 6.38 -24.89 -9.27
C ASN A 51 5.24 -25.31 -8.33
N PRO A 52 4.84 -24.46 -7.39
CA PRO A 52 3.89 -24.92 -6.36
C PRO A 52 2.53 -25.18 -6.97
N ASN A 53 2.05 -26.40 -6.79
CA ASN A 53 0.62 -26.67 -6.96
C ASN A 53 0.01 -26.47 -5.57
N TYR A 54 -0.21 -25.20 -5.21
CA TYR A 54 -0.82 -24.84 -3.93
C TYR A 54 -2.02 -25.70 -3.63
N GLU A 55 -2.90 -25.80 -4.62
CA GLU A 55 -3.93 -26.82 -4.52
C GLU A 55 -3.29 -28.14 -4.11
N ASP A 56 -2.45 -28.77 -4.96
CA ASP A 56 -2.00 -30.12 -4.62
C ASP A 56 -1.43 -30.20 -3.20
N LEU A 57 -0.83 -29.12 -2.72
CA LEU A 57 -0.25 -29.18 -1.39
C LEU A 57 -1.30 -29.09 -0.29
N LEU A 58 -2.45 -28.46 -0.57
CA LEU A 58 -3.42 -28.20 0.49
C LEU A 58 -4.25 -29.43 0.84
N ILE A 59 -4.63 -30.23 -0.16
CA ILE A 59 -5.42 -31.43 0.10
C ILE A 59 -4.65 -32.42 0.97
N ARG A 60 -3.32 -32.34 0.97
CA ARG A 60 -2.48 -33.19 1.80
C ARG A 60 -2.33 -32.64 3.23
N LYS A 61 -3.07 -31.59 3.58
CA LYS A 61 -2.99 -31.00 4.90
C LYS A 61 -4.29 -31.18 5.66
N SER A 62 -4.16 -31.23 6.99
CA SER A 62 -5.28 -31.28 7.91
C SER A 62 -5.35 -29.97 8.71
N ASN A 63 -6.41 -29.83 9.50
CA ASN A 63 -6.51 -28.68 10.39
C ASN A 63 -5.33 -28.62 11.36
N HIS A 64 -4.96 -29.76 11.94
CA HIS A 64 -3.90 -29.76 12.95
C HIS A 64 -2.52 -29.55 12.35
N ASN A 65 -2.38 -29.46 11.03
CA ASN A 65 -1.11 -29.06 10.43
C ASN A 65 -0.87 -27.56 10.51
N PHE A 66 -1.85 -26.79 10.98
CA PHE A 66 -1.76 -25.33 11.05
C PHE A 66 -1.70 -24.90 12.51
N LEU A 67 -0.56 -24.34 12.91
CA LEU A 67 -0.38 -23.80 14.26
C LEU A 67 -0.56 -22.28 14.20
N VAL A 68 -1.56 -21.78 14.92
CA VAL A 68 -1.83 -20.35 14.99
C VAL A 68 -1.52 -19.89 16.42
N GLN A 69 -0.64 -18.90 16.54
CA GLN A 69 -0.20 -18.40 17.84
C GLN A 69 -0.57 -16.92 17.94
N ALA A 70 -1.38 -16.58 18.93
CA ALA A 70 -1.77 -15.20 19.21
C ALA A 70 -1.15 -14.82 20.55
N GLY A 71 -0.01 -14.15 20.49
CA GLY A 71 0.71 -13.84 21.72
C GLY A 71 1.19 -15.12 22.38
N ASN A 72 0.66 -15.39 23.57
CA ASN A 72 1.04 -16.57 24.35
C ASN A 72 0.06 -17.73 24.17
N VAL A 73 -0.96 -17.57 23.33
CA VAL A 73 -2.05 -18.53 23.25
C VAL A 73 -2.05 -19.20 21.88
N GLN A 74 -2.17 -20.52 21.87
CA GLN A 74 -2.39 -21.28 20.65
C GLN A 74 -3.88 -21.33 20.35
N LEU A 75 -4.25 -20.95 19.14
CA LEU A 75 -5.63 -21.05 18.67
C LEU A 75 -5.81 -22.36 17.92
N ARG A 76 -6.93 -23.04 18.15
CA ARG A 76 -7.20 -24.32 17.52
C ARG A 76 -7.88 -24.08 16.18
N VAL A 77 -7.25 -24.55 15.11
CA VAL A 77 -7.86 -24.50 13.78
C VAL A 77 -8.91 -25.59 13.67
N ILE A 78 -10.13 -25.20 13.31
CA ILE A 78 -11.25 -26.13 13.21
C ILE A 78 -11.82 -26.19 11.79
N GLY A 79 -11.15 -25.55 10.83
CA GLY A 79 -11.59 -25.55 9.46
C GLY A 79 -10.66 -24.72 8.61
N HIS A 80 -10.46 -25.11 7.36
CA HIS A 80 -9.55 -24.38 6.49
C HIS A 80 -10.08 -24.45 5.06
N SER A 81 -9.81 -23.38 4.31
CA SER A 81 -10.15 -23.35 2.89
C SER A 81 -9.24 -22.32 2.22
N MET A 82 -9.08 -22.48 0.91
CA MET A 82 -8.28 -21.57 0.11
C MET A 82 -9.21 -20.71 -0.74
N GLN A 83 -9.00 -19.40 -0.70
CA GLN A 83 -9.69 -18.45 -1.55
C GLN A 83 -8.62 -17.70 -2.32
N ASN A 84 -8.45 -18.03 -3.60
CA ASN A 84 -7.40 -17.47 -4.45
C ASN A 84 -6.06 -17.68 -3.73
N CYS A 85 -5.29 -16.63 -3.47
CA CYS A 85 -3.95 -16.77 -2.88
C CYS A 85 -3.93 -16.63 -1.36
N VAL A 86 -5.08 -16.61 -0.69
CA VAL A 86 -5.08 -16.60 0.76
C VAL A 86 -5.73 -17.87 1.28
N LEU A 87 -5.38 -18.22 2.53
CA LEU A 87 -6.06 -19.25 3.27
C LEU A 87 -6.96 -18.60 4.31
N LYS A 88 -8.13 -19.19 4.54
CA LYS A 88 -9.03 -18.83 5.62
C LYS A 88 -9.03 -19.99 6.61
N LEU A 89 -8.49 -19.74 7.80
CA LEU A 89 -8.38 -20.75 8.85
C LEU A 89 -9.41 -20.44 9.92
N LYS A 90 -10.48 -21.24 9.98
CA LYS A 90 -11.48 -21.06 11.01
C LYS A 90 -10.94 -21.57 12.33
N VAL A 91 -10.96 -20.72 13.35
CA VAL A 91 -10.48 -21.07 14.68
C VAL A 91 -11.66 -21.13 15.63
N ASP A 92 -11.43 -21.71 16.81
CA ASP A 92 -12.48 -21.92 17.80
C ASP A 92 -12.70 -20.73 18.72
N THR A 93 -11.94 -19.64 18.53
CA THR A 93 -12.05 -18.46 19.35
C THR A 93 -12.20 -17.23 18.46
N ALA A 94 -13.23 -16.43 18.71
CA ALA A 94 -13.35 -15.15 18.04
C ALA A 94 -12.44 -14.13 18.70
N ASN A 95 -11.80 -13.31 17.89
CA ASN A 95 -10.86 -12.31 18.40
C ASN A 95 -11.62 -11.23 19.15
N PRO A 96 -11.47 -11.12 20.47
CA PRO A 96 -12.19 -10.06 21.19
C PRO A 96 -11.77 -8.66 20.79
N LYS A 97 -10.64 -8.51 20.10
CA LYS A 97 -10.14 -7.21 19.67
C LYS A 97 -10.50 -6.88 18.23
N THR A 98 -11.41 -7.64 17.63
CA THR A 98 -11.80 -7.40 16.25
C THR A 98 -12.40 -6.01 16.10
N PRO A 99 -11.80 -5.13 15.30
CA PRO A 99 -12.41 -3.82 15.06
C PRO A 99 -13.52 -3.96 14.03
N LYS A 100 -14.31 -2.89 13.88
CA LYS A 100 -15.13 -2.77 12.70
C LYS A 100 -14.20 -2.72 11.50
N TYR A 101 -14.52 -3.50 10.47
CA TYR A 101 -13.59 -3.60 9.36
C TYR A 101 -14.32 -3.84 8.04
N LYS A 102 -13.59 -3.58 6.96
CA LYS A 102 -14.02 -3.89 5.60
C LYS A 102 -12.83 -4.46 4.85
N PHE A 103 -13.12 -5.27 3.84
CA PHE A 103 -12.13 -5.71 2.86
C PHE A 103 -12.36 -4.87 1.61
N VAL A 104 -11.42 -3.99 1.31
CA VAL A 104 -11.52 -3.06 0.19
C VAL A 104 -10.34 -3.31 -0.74
N ARG A 105 -10.58 -3.20 -2.05
CA ARG A 105 -9.50 -3.19 -3.03
C ARG A 105 -9.30 -1.76 -3.50
N ILE A 106 -8.06 -1.30 -3.45
CA ILE A 106 -7.74 0.08 -3.80
C ILE A 106 -7.29 0.15 -5.26
N GLN A 107 -7.27 1.33 -5.78
CA GLN A 107 -6.81 1.76 -7.09
C GLN A 107 -5.34 2.17 -7.03
N PRO A 108 -4.61 1.95 -8.12
CA PRO A 108 -3.28 2.57 -8.24
C PRO A 108 -3.39 4.07 -8.03
N GLY A 109 -2.41 4.63 -7.34
CA GLY A 109 -2.42 6.03 -6.97
C GLY A 109 -2.94 6.31 -5.58
N GLN A 110 -3.64 5.35 -4.98
N GLN A 110 -3.68 5.36 -4.99
CA GLN A 110 -4.15 5.52 -3.62
CA GLN A 110 -4.16 5.51 -3.63
C GLN A 110 -3.11 5.07 -2.60
C GLN A 110 -3.05 5.15 -2.63
N THR A 111 -3.24 5.59 -1.39
CA THR A 111 -2.26 5.36 -0.32
C THR A 111 -2.86 4.50 0.79
N PHE A 112 -1.97 3.94 1.61
CA PHE A 112 -2.40 3.14 2.75
C PHE A 112 -1.23 2.96 3.71
N SER A 113 -1.58 2.58 4.93
CA SER A 113 -0.61 2.33 5.98
C SER A 113 -0.25 0.85 6.00
N VAL A 114 1.03 0.54 6.17
CA VAL A 114 1.53 -0.82 6.26
C VAL A 114 2.01 -1.07 7.68
N LEU A 115 1.53 -2.15 8.30
CA LEU A 115 2.05 -2.60 9.59
C LEU A 115 2.97 -3.78 9.31
N ALA A 116 4.28 -3.51 9.25
CA ALA A 116 5.25 -4.57 9.02
C ALA A 116 5.31 -5.48 10.25
N CYS A 117 5.30 -6.79 10.02
N CYS A 117 5.34 -6.79 10.00
CA CYS A 117 5.20 -7.76 11.09
CA CYS A 117 5.16 -7.80 11.04
C CYS A 117 6.16 -8.93 10.83
C CYS A 117 6.11 -8.97 10.83
N TYR A 118 6.59 -9.55 11.92
CA TYR A 118 7.45 -10.72 11.88
C TYR A 118 7.10 -11.62 13.04
N ASN A 119 6.90 -12.91 12.75
CA ASN A 119 6.46 -13.89 13.75
C ASN A 119 5.21 -13.42 14.48
N GLY A 120 4.29 -12.82 13.73
CA GLY A 120 3.08 -12.29 14.31
C GLY A 120 3.25 -11.08 15.21
N SER A 121 4.44 -10.50 15.29
CA SER A 121 4.70 -9.35 16.15
C SER A 121 4.93 -8.11 15.32
N PRO A 122 4.10 -7.08 15.46
CA PRO A 122 4.31 -5.84 14.70
C PRO A 122 5.66 -5.21 15.03
N SER A 123 6.32 -4.70 13.99
CA SER A 123 7.65 -4.13 14.12
C SER A 123 7.75 -2.68 13.66
N GLY A 124 6.92 -2.26 12.71
CA GLY A 124 6.97 -0.88 12.24
C GLY A 124 5.75 -0.55 11.41
N VAL A 125 5.53 0.75 11.24
CA VAL A 125 4.41 1.25 10.45
C VAL A 125 4.92 2.36 9.54
N TYR A 126 4.46 2.34 8.30
CA TYR A 126 4.85 3.37 7.33
C TYR A 126 3.76 3.51 6.28
N GLN A 127 3.81 4.61 5.55
CA GLN A 127 2.80 4.97 4.57
C GLN A 127 3.28 4.60 3.17
N CYS A 128 2.36 4.02 2.38
CA CYS A 128 2.67 3.50 1.05
C CYS A 128 1.64 3.99 0.05
N ALA A 129 2.08 4.15 -1.19
CA ALA A 129 1.17 4.31 -2.31
C ALA A 129 1.22 3.06 -3.19
N MET A 130 0.06 2.69 -3.72
CA MET A 130 0.00 1.67 -4.76
C MET A 130 0.48 2.30 -6.06
N ARG A 131 1.59 1.79 -6.60
CA ARG A 131 2.13 2.37 -7.82
C ARG A 131 1.20 2.08 -9.00
N PRO A 132 1.24 2.91 -10.04
CA PRO A 132 0.46 2.62 -11.25
C PRO A 132 0.73 1.23 -11.84
N ASN A 133 1.92 0.66 -11.64
CA ASN A 133 2.20 -0.68 -12.12
C ASN A 133 1.87 -1.75 -11.08
N PHE A 134 1.07 -1.41 -10.07
CA PHE A 134 0.54 -2.33 -9.07
C PHE A 134 1.59 -2.90 -8.12
N THR A 135 2.78 -2.31 -8.07
CA THR A 135 3.73 -2.64 -7.03
C THR A 135 3.64 -1.60 -5.93
N ILE A 136 4.30 -1.89 -4.81
CA ILE A 136 4.49 -0.89 -3.76
C ILE A 136 5.97 -0.85 -3.41
N LYS A 137 6.44 0.36 -3.11
CA LYS A 137 7.82 0.55 -2.67
C LYS A 137 7.84 0.48 -1.15
N GLY A 138 7.84 -0.75 -0.65
CA GLY A 138 7.80 -1.00 0.78
C GLY A 138 9.18 -1.26 1.36
N SER A 139 9.18 -1.69 2.61
CA SER A 139 10.40 -2.13 3.28
C SER A 139 10.04 -3.42 4.00
N PHE A 140 10.48 -4.55 3.44
CA PHE A 140 10.04 -5.87 3.89
C PHE A 140 11.21 -6.83 3.86
N LEU A 141 11.31 -7.66 4.89
CA LEU A 141 12.33 -8.70 4.95
C LEU A 141 11.66 -10.07 5.00
N ASN A 142 12.48 -11.12 4.93
CA ASN A 142 11.94 -12.47 5.07
C ASN A 142 11.22 -12.60 6.40
N GLY A 143 10.02 -13.21 6.35
CA GLY A 143 9.13 -13.27 7.49
C GLY A 143 8.00 -12.27 7.46
N SER A 144 8.06 -11.28 6.55
CA SER A 144 7.05 -10.23 6.51
C SER A 144 5.75 -10.67 5.85
N CYS A 145 5.78 -11.77 5.10
CA CYS A 145 4.63 -12.24 4.33
C CYS A 145 3.42 -12.34 5.24
N GLY A 146 2.30 -11.77 4.80
CA GLY A 146 1.11 -11.70 5.62
C GLY A 146 0.90 -10.40 6.39
N SER A 147 1.91 -9.52 6.46
CA SER A 147 1.65 -8.17 6.95
C SER A 147 0.63 -7.47 6.06
N VAL A 148 -0.15 -6.58 6.65
CA VAL A 148 -1.30 -6.01 5.95
C VAL A 148 -1.16 -4.50 5.82
N GLY A 149 -1.84 -3.98 4.80
CA GLY A 149 -1.96 -2.55 4.60
C GLY A 149 -3.41 -2.15 4.73
N PHE A 150 -3.64 -0.91 5.16
CA PHE A 150 -4.98 -0.54 5.59
C PHE A 150 -5.14 0.98 5.60
N ASN A 151 -6.40 1.39 5.63
CA ASN A 151 -6.80 2.75 5.96
C ASN A 151 -7.84 2.67 7.07
N ILE A 152 -7.94 3.74 7.85
CA ILE A 152 -8.94 3.85 8.90
C ILE A 152 -9.82 5.05 8.63
N ASP A 153 -11.13 4.82 8.61
CA ASP A 153 -12.12 5.88 8.45
C ASP A 153 -13.03 5.83 9.66
N TYR A 154 -13.04 6.92 10.43
CA TYR A 154 -13.69 6.96 11.74
C TYR A 154 -13.09 5.85 12.61
N ASP A 155 -13.81 4.77 12.87
CA ASP A 155 -13.24 3.66 13.62
C ASP A 155 -13.36 2.34 12.85
N CYS A 156 -13.48 2.42 11.53
CA CYS A 156 -13.53 1.26 10.65
C CYS A 156 -12.19 1.08 9.95
N VAL A 157 -11.62 -0.11 10.05
CA VAL A 157 -10.39 -0.44 9.36
C VAL A 157 -10.74 -1.05 8.00
N SER A 158 -10.34 -0.39 6.93
CA SER A 158 -10.52 -0.92 5.58
C SER A 158 -9.20 -1.56 5.16
N PHE A 159 -9.14 -2.89 5.29
CA PHE A 159 -7.95 -3.61 4.88
C PHE A 159 -7.87 -3.65 3.36
N CYS A 160 -6.71 -3.32 2.80
CA CYS A 160 -6.59 -3.28 1.35
C CYS A 160 -5.44 -4.09 0.77
N TYR A 161 -4.51 -4.60 1.60
CA TYR A 161 -3.32 -5.24 1.07
C TYR A 161 -2.84 -6.30 2.05
N MET A 162 -2.45 -7.45 1.53
CA MET A 162 -1.69 -8.44 2.29
C MET A 162 -0.40 -8.72 1.53
N HIS A 163 0.73 -8.65 2.22
CA HIS A 163 2.02 -8.73 1.56
C HIS A 163 2.39 -10.18 1.27
N HIS A 164 2.96 -10.42 0.10
CA HIS A 164 3.38 -11.74 -0.32
C HIS A 164 4.85 -11.82 -0.68
N MET A 165 5.35 -10.94 -1.55
CA MET A 165 6.61 -11.22 -2.22
C MET A 165 7.35 -9.94 -2.54
N GLU A 166 8.64 -10.12 -2.86
CA GLU A 166 9.51 -9.06 -3.33
C GLU A 166 9.99 -9.41 -4.72
N LEU A 167 9.86 -8.46 -5.65
CA LEU A 167 10.30 -8.65 -7.01
C LEU A 167 11.81 -8.41 -7.13
N PRO A 168 12.43 -8.86 -8.23
CA PRO A 168 13.88 -8.66 -8.40
C PRO A 168 14.35 -7.23 -8.25
N THR A 169 13.53 -6.24 -8.63
CA THR A 169 13.92 -4.85 -8.49
C THR A 169 13.84 -4.35 -7.05
N GLY A 170 13.43 -5.19 -6.11
CA GLY A 170 13.31 -4.78 -4.72
C GLY A 170 12.00 -4.11 -4.35
N VAL A 171 11.04 -4.03 -5.28
CA VAL A 171 9.70 -3.56 -4.94
C VAL A 171 8.86 -4.77 -4.56
N HIS A 172 7.64 -4.52 -4.10
CA HIS A 172 6.87 -5.54 -3.41
C HIS A 172 5.49 -5.71 -4.05
N ALA A 173 4.97 -6.94 -3.95
CA ALA A 173 3.70 -7.29 -4.55
C ALA A 173 2.88 -8.10 -3.57
N GLY A 174 1.57 -7.91 -3.62
CA GLY A 174 0.67 -8.61 -2.74
C GLY A 174 -0.73 -8.64 -3.30
N THR A 175 -1.67 -9.00 -2.45
CA THR A 175 -3.06 -9.23 -2.83
C THR A 175 -3.97 -8.35 -2.01
N ASP A 176 -5.22 -8.25 -2.44
CA ASP A 176 -6.25 -7.78 -1.54
C ASP A 176 -6.57 -8.89 -0.53
N LEU A 177 -7.53 -8.64 0.35
CA LEU A 177 -7.80 -9.59 1.42
C LEU A 177 -8.68 -10.75 0.99
N GLU A 178 -9.12 -10.79 -0.27
CA GLU A 178 -9.72 -11.99 -0.84
C GLU A 178 -8.72 -12.78 -1.66
N GLY A 179 -7.44 -12.42 -1.59
CA GLY A 179 -6.38 -13.20 -2.17
C GLY A 179 -6.09 -12.94 -3.63
N ASN A 180 -6.68 -11.90 -4.21
CA ASN A 180 -6.45 -11.58 -5.62
C ASN A 180 -5.30 -10.59 -5.72
N PHE A 181 -4.27 -10.96 -6.47
CA PHE A 181 -3.08 -10.14 -6.58
C PHE A 181 -3.40 -8.78 -7.18
N TYR A 182 -2.67 -7.77 -6.70
CA TYR A 182 -2.56 -6.51 -7.42
C TYR A 182 -1.54 -6.69 -8.52
N GLY A 183 -1.96 -6.50 -9.77
CA GLY A 183 -1.06 -6.59 -10.90
C GLY A 183 -0.77 -8.01 -11.34
N PRO A 184 0.06 -8.15 -12.37
CA PRO A 184 0.26 -9.45 -13.04
C PRO A 184 1.33 -10.30 -12.35
N PHE A 185 1.12 -10.57 -11.07
CA PHE A 185 2.10 -11.29 -10.27
C PHE A 185 1.47 -12.53 -9.66
N VAL A 186 2.33 -13.51 -9.35
CA VAL A 186 1.89 -14.81 -8.85
C VAL A 186 2.80 -15.20 -7.69
N ASP A 187 2.26 -16.00 -6.77
CA ASP A 187 3.00 -16.35 -5.56
C ASP A 187 3.85 -17.60 -5.79
N ARG A 188 4.84 -17.43 -6.65
CA ARG A 188 5.89 -18.43 -6.80
C ARG A 188 7.20 -17.71 -7.09
N GLN A 189 8.30 -18.35 -6.70
CA GLN A 189 9.62 -17.74 -6.81
C GLN A 189 10.14 -17.97 -8.22
N THR A 190 9.74 -17.07 -9.12
CA THR A 190 10.10 -17.11 -10.52
C THR A 190 10.48 -15.71 -10.99
N ALA A 191 11.03 -15.64 -12.20
CA ALA A 191 11.42 -14.37 -12.80
C ALA A 191 10.16 -13.60 -13.20
N GLN A 192 9.73 -12.69 -12.33
CA GLN A 192 8.63 -11.78 -12.63
C GLN A 192 9.15 -10.35 -12.56
N ALA A 193 8.55 -9.49 -13.38
CA ALA A 193 8.95 -8.08 -13.41
C ALA A 193 7.70 -7.23 -13.56
N ALA A 194 7.72 -6.07 -12.91
CA ALA A 194 6.62 -5.13 -13.01
C ALA A 194 6.66 -4.39 -14.34
N GLY A 195 5.48 -3.98 -14.80
CA GLY A 195 5.40 -3.09 -15.93
C GLY A 195 6.08 -1.78 -15.64
N THR A 196 6.31 -1.01 -16.71
CA THR A 196 6.93 0.30 -16.55
C THR A 196 6.02 1.19 -15.72
N ASP A 197 6.63 1.90 -14.77
CA ASP A 197 5.87 2.76 -13.87
C ASP A 197 5.77 4.18 -14.43
N THR A 198 4.83 4.95 -13.87
CA THR A 198 4.64 6.35 -14.20
C THR A 198 4.46 7.13 -12.90
N THR A 199 4.51 8.45 -13.00
CA THR A 199 4.29 9.32 -11.84
C THR A 199 2.82 9.71 -11.73
N ILE A 200 2.31 9.71 -10.51
CA ILE A 200 0.89 9.95 -10.24
C ILE A 200 0.68 11.46 -10.23
N THR A 201 0.18 12.00 -11.35
CA THR A 201 0.16 13.45 -11.57
C THR A 201 -0.73 14.17 -10.55
N VAL A 202 -1.95 13.67 -10.34
CA VAL A 202 -2.87 14.35 -9.42
C VAL A 202 -2.26 14.45 -8.03
N ASN A 203 -1.48 13.43 -7.64
CA ASN A 203 -0.86 13.44 -6.33
C ASN A 203 0.22 14.50 -6.23
N VAL A 204 1.03 14.67 -7.29
CA VAL A 204 2.05 15.71 -7.28
C VAL A 204 1.40 17.08 -7.12
N LEU A 205 0.31 17.32 -7.85
CA LEU A 205 -0.39 18.59 -7.73
C LEU A 205 -0.92 18.81 -6.32
N ALA A 206 -1.53 17.76 -5.73
CA ALA A 206 -2.00 17.84 -4.36
C ALA A 206 -0.87 18.23 -3.41
N TRP A 207 0.31 17.64 -3.62
CA TRP A 207 1.46 17.95 -2.79
C TRP A 207 1.93 19.38 -3.00
N LEU A 208 1.83 19.89 -4.23
CA LEU A 208 2.15 21.29 -4.48
C LEU A 208 1.19 22.22 -3.75
N TYR A 209 -0.09 21.85 -3.68
CA TYR A 209 -1.04 22.63 -2.88
C TYR A 209 -0.68 22.59 -1.41
N ALA A 210 -0.30 21.42 -0.91
CA ALA A 210 0.16 21.30 0.47
C ALA A 210 1.29 22.28 0.76
N ALA A 211 2.23 22.40 -0.18
CA ALA A 211 3.36 23.31 0.00
C ALA A 211 2.90 24.76 0.10
N VAL A 212 1.92 25.16 -0.72
CA VAL A 212 1.40 26.52 -0.65
C VAL A 212 0.66 26.74 0.66
N ILE A 213 -0.14 25.75 1.08
CA ILE A 213 -0.83 25.84 2.37
C ILE A 213 0.17 26.01 3.50
N ASN A 214 1.36 25.41 3.38
CA ASN A 214 2.42 25.62 4.35
C ASN A 214 3.28 26.85 4.01
N GLY A 215 2.70 27.83 3.33
CA GLY A 215 3.30 29.15 3.20
C GLY A 215 4.39 29.31 2.17
N ASP A 216 4.44 28.45 1.15
CA ASP A 216 5.55 28.40 0.21
C ASP A 216 5.03 28.51 -1.21
N ARG A 217 5.44 29.57 -1.92
CA ARG A 217 4.92 29.85 -3.25
C ARG A 217 6.00 30.03 -4.32
N TRP A 218 7.25 29.61 -4.07
CA TRP A 218 8.34 29.99 -4.95
C TRP A 218 8.19 29.41 -6.36
N PHE A 219 7.54 28.26 -6.49
CA PHE A 219 7.40 27.58 -7.78
C PHE A 219 6.23 28.08 -8.61
N LEU A 220 5.45 28.97 -8.03
CA LEU A 220 4.26 29.48 -8.75
C LEU A 220 4.69 30.41 -9.89
N ASN A 221 3.81 30.56 -10.87
CA ASN A 221 4.08 31.47 -12.00
C ASN A 221 2.78 32.16 -12.41
N ARG A 222 2.88 33.09 -13.35
CA ARG A 222 1.68 33.84 -13.78
C ARG A 222 1.07 33.19 -15.02
N PHE A 223 1.59 32.06 -15.43
CA PHE A 223 1.07 31.36 -16.62
C PHE A 223 -0.05 30.41 -16.27
N THR A 224 -0.76 30.01 -17.30
CA THR A 224 -1.79 28.97 -17.17
C THR A 224 -1.61 27.99 -18.33
N THR A 225 -2.49 27.02 -18.42
CA THR A 225 -2.37 26.03 -19.47
C THR A 225 -3.71 25.36 -19.66
N THR A 226 -3.94 24.86 -20.87
CA THR A 226 -5.09 24.01 -21.10
C THR A 226 -4.78 22.61 -20.57
N LEU A 227 -5.84 21.85 -20.27
CA LEU A 227 -5.66 20.47 -19.85
C LEU A 227 -4.89 19.69 -20.90
N ASN A 228 -5.26 19.86 -22.17
CA ASN A 228 -4.61 19.09 -23.24
C ASN A 228 -3.16 19.50 -23.41
N ASP A 229 -2.85 20.79 -23.27
CA ASP A 229 -1.46 21.22 -23.40
C ASP A 229 -0.61 20.71 -22.24
N PHE A 230 -1.17 20.66 -21.04
CA PHE A 230 -0.42 20.10 -19.91
C PHE A 230 -0.14 18.62 -20.14
N ASN A 231 -1.16 17.87 -20.57
CA ASN A 231 -0.99 16.44 -20.75
C ASN A 231 0.04 16.12 -21.83
N LEU A 232 0.26 17.04 -22.77
CA LEU A 232 1.33 16.84 -23.75
C LEU A 232 2.71 16.95 -23.10
N VAL A 233 2.83 17.79 -22.07
CA VAL A 233 4.08 17.84 -21.31
C VAL A 233 4.20 16.63 -20.40
N ALA A 234 3.09 16.24 -19.76
CA ALA A 234 3.10 15.11 -18.84
C ALA A 234 3.57 13.83 -19.55
N MET A 235 3.07 13.59 -20.75
CA MET A 235 3.46 12.39 -21.50
C MET A 235 4.96 12.38 -21.79
N LYS A 236 5.55 13.56 -22.01
CA LYS A 236 6.99 13.63 -22.27
C LYS A 236 7.80 13.21 -21.04
N TYR A 237 7.29 13.46 -19.84
CA TYR A 237 8.03 13.23 -18.60
C TYR A 237 7.55 11.99 -17.85
N ASN A 238 6.81 11.11 -18.53
CA ASN A 238 6.30 9.88 -17.92
C ASN A 238 5.40 10.17 -16.73
N TYR A 239 4.57 11.19 -16.86
CA TYR A 239 3.52 11.50 -15.90
C TYR A 239 2.19 11.00 -16.43
N GLU A 240 1.30 10.61 -15.52
CA GLU A 240 -0.02 10.19 -15.93
C GLU A 240 -0.79 11.37 -16.51
N PRO A 241 -1.60 11.15 -17.54
CA PRO A 241 -2.47 12.22 -18.04
C PRO A 241 -3.48 12.63 -16.97
N LEU A 242 -3.75 13.93 -16.91
CA LEU A 242 -4.69 14.47 -15.94
C LEU A 242 -6.08 14.51 -16.53
N THR A 243 -7.07 14.13 -15.74
CA THR A 243 -8.46 14.10 -16.17
C THR A 243 -9.25 15.23 -15.51
N GLN A 244 -10.43 15.49 -16.06
CA GLN A 244 -11.32 16.46 -15.44
C GLN A 244 -11.75 16.02 -14.05
N ASP A 245 -11.88 14.70 -13.82
CA ASP A 245 -12.19 14.22 -12.49
C ASP A 245 -11.08 14.57 -11.50
N HIS A 246 -9.82 14.46 -11.93
CA HIS A 246 -8.71 14.86 -11.08
C HIS A 246 -8.78 16.36 -10.76
N VAL A 247 -9.08 17.18 -11.78
CA VAL A 247 -9.27 18.60 -11.55
C VAL A 247 -10.40 18.83 -10.55
N ASP A 248 -11.48 18.05 -10.66
CA ASP A 248 -12.60 18.18 -9.74
C ASP A 248 -12.19 17.80 -8.32
N ILE A 249 -11.46 16.70 -8.17
CA ILE A 249 -11.01 16.26 -6.85
C ILE A 249 -10.09 17.30 -6.22
N LEU A 250 -9.35 18.03 -7.04
CA LEU A 250 -8.44 19.07 -6.55
C LEU A 250 -9.17 20.37 -6.22
N GLY A 251 -10.46 20.47 -6.53
CA GLY A 251 -11.24 21.67 -6.30
C GLY A 251 -11.10 22.27 -4.91
N PRO A 252 -11.42 21.48 -3.87
CA PRO A 252 -11.30 22.01 -2.50
C PRO A 252 -9.94 22.60 -2.18
N LEU A 253 -8.85 21.93 -2.58
CA LEU A 253 -7.53 22.51 -2.35
C LEU A 253 -7.33 23.77 -3.19
N SER A 254 -7.89 23.81 -4.40
CA SER A 254 -7.77 25.00 -5.24
C SER A 254 -8.50 26.19 -4.62
N ALA A 255 -9.65 25.94 -4.01
CA ALA A 255 -10.42 27.03 -3.41
C ALA A 255 -9.75 27.54 -2.13
N GLN A 256 -9.12 26.63 -1.37
CA GLN A 256 -8.48 27.04 -0.14
C GLN A 256 -7.29 27.95 -0.40
N THR A 257 -6.55 27.69 -1.49
CA THR A 257 -5.34 28.45 -1.80
C THR A 257 -5.57 29.55 -2.82
N GLY A 258 -6.70 29.57 -3.50
CA GLY A 258 -6.93 30.55 -4.54
C GLY A 258 -6.14 30.35 -5.80
N ILE A 259 -5.54 29.17 -5.99
CA ILE A 259 -4.77 28.86 -7.18
C ILE A 259 -5.56 27.87 -8.02
N ALA A 260 -5.98 28.31 -9.20
CA ALA A 260 -6.70 27.43 -10.11
C ALA A 260 -5.87 26.20 -10.45
N VAL A 261 -6.56 25.07 -10.63
CA VAL A 261 -5.86 23.81 -10.89
C VAL A 261 -4.98 23.93 -12.12
N LEU A 262 -5.54 24.49 -13.21
CA LEU A 262 -4.75 24.65 -14.43
C LEU A 262 -3.61 25.63 -14.23
N ASP A 263 -3.74 26.57 -13.28
CA ASP A 263 -2.61 27.42 -12.93
C ASP A 263 -1.52 26.61 -12.23
N MET A 264 -1.91 25.73 -11.32
CA MET A 264 -0.93 24.86 -10.67
C MET A 264 -0.29 23.91 -11.69
N CYS A 265 -1.07 23.45 -12.66
CA CYS A 265 -0.53 22.60 -13.73
C CYS A 265 0.58 23.33 -14.49
N ALA A 266 0.37 24.62 -14.77
CA ALA A 266 1.40 25.41 -15.42
C ALA A 266 2.64 25.50 -14.54
N SER A 267 2.45 25.62 -13.23
CA SER A 267 3.60 25.60 -12.32
C SER A 267 4.33 24.27 -12.37
N LEU A 268 3.58 23.17 -12.44
CA LEU A 268 4.20 21.86 -12.56
C LEU A 268 4.91 21.71 -13.90
N LYS A 269 4.31 22.22 -14.98
CA LYS A 269 4.98 22.20 -16.27
C LYS A 269 6.34 22.87 -16.20
N GLU A 270 6.41 24.03 -15.55
CA GLU A 270 7.69 24.73 -15.41
C GLU A 270 8.68 23.93 -14.58
N LEU A 271 8.21 23.30 -13.50
CA LEU A 271 9.10 22.51 -12.67
C LEU A 271 9.66 21.30 -13.43
N LEU A 272 8.83 20.67 -14.26
CA LEU A 272 9.32 19.54 -15.06
C LEU A 272 10.34 20.00 -16.08
N GLN A 273 10.16 21.18 -16.67
CA GLN A 273 11.06 21.65 -17.71
C GLN A 273 12.35 22.23 -17.16
N ASN A 274 12.30 22.88 -15.99
CA ASN A 274 13.46 23.59 -15.46
C ASN A 274 14.12 22.87 -14.30
N GLY A 275 13.54 21.79 -13.79
CA GLY A 275 14.08 21.28 -12.55
C GLY A 275 13.77 22.25 -11.41
N MET A 276 14.51 22.08 -10.31
CA MET A 276 14.26 22.89 -9.12
C MET A 276 15.31 23.96 -8.87
N ASN A 277 16.46 23.88 -9.54
CA ASN A 277 17.52 24.88 -9.42
C ASN A 277 18.02 25.00 -7.97
N GLY A 278 18.27 23.85 -7.36
CA GLY A 278 18.83 23.81 -6.02
C GLY A 278 17.85 24.09 -4.89
N ARG A 279 16.59 24.35 -5.19
CA ARG A 279 15.60 24.61 -4.15
C ARG A 279 14.86 23.34 -3.79
N THR A 280 14.06 23.42 -2.74
CA THR A 280 13.29 22.28 -2.25
C THR A 280 11.84 22.68 -2.03
N ILE A 281 10.98 21.67 -2.00
CA ILE A 281 9.55 21.85 -1.73
C ILE A 281 9.18 20.90 -0.60
N LEU A 282 8.74 21.46 0.52
CA LEU A 282 8.36 20.68 1.70
C LEU A 282 9.48 19.72 2.11
N GLY A 283 10.72 20.17 1.94
CA GLY A 283 11.87 19.40 2.35
C GLY A 283 12.34 18.35 1.38
N SER A 284 11.78 18.27 0.17
CA SER A 284 12.22 17.32 -0.83
C SER A 284 12.81 18.05 -2.02
N ALA A 285 13.78 17.41 -2.67
CA ALA A 285 14.41 17.94 -3.86
C ALA A 285 13.86 17.32 -5.14
N LEU A 286 12.85 16.46 -5.04
CA LEU A 286 12.13 15.96 -6.20
C LEU A 286 10.64 16.08 -5.96
N LEU A 287 9.87 15.84 -7.02
CA LEU A 287 8.42 15.99 -6.98
C LEU A 287 7.80 14.73 -6.36
N GLU A 288 7.10 14.91 -5.25
CA GLU A 288 6.56 13.81 -4.47
C GLU A 288 5.16 13.43 -4.95
N ASP A 289 4.93 12.12 -5.15
CA ASP A 289 3.66 11.69 -5.73
C ASP A 289 2.94 10.63 -4.89
N GLU A 290 3.32 10.46 -3.63
CA GLU A 290 2.67 9.48 -2.77
C GLU A 290 1.78 10.12 -1.71
N PHE A 291 1.28 11.34 -1.96
CA PHE A 291 0.23 11.94 -1.16
C PHE A 291 -0.98 12.18 -2.06
N THR A 292 -2.14 11.71 -1.64
CA THR A 292 -3.38 11.96 -2.37
C THR A 292 -3.96 13.29 -1.97
N PRO A 293 -4.90 13.83 -2.76
CA PRO A 293 -5.64 15.02 -2.31
C PRO A 293 -6.28 14.82 -0.94
N PHE A 294 -6.83 13.63 -0.68
CA PHE A 294 -7.38 13.33 0.63
C PHE A 294 -6.31 13.40 1.71
N ASP A 295 -5.11 12.88 1.42
CA ASP A 295 -4.02 12.91 2.40
C ASP A 295 -3.66 14.35 2.75
N VAL A 296 -3.61 15.24 1.76
CA VAL A 296 -3.26 16.63 2.01
C VAL A 296 -4.31 17.30 2.88
N VAL A 297 -5.59 17.17 2.49
CA VAL A 297 -6.67 17.78 3.25
C VAL A 297 -6.70 17.27 4.68
N ARG A 298 -6.50 15.98 4.87
CA ARG A 298 -6.56 15.38 6.20
C ARG A 298 -5.50 15.96 7.12
N GLN A 299 -4.32 16.23 6.60
CA GLN A 299 -3.18 16.62 7.43
C GLN A 299 -2.99 18.13 7.53
N CYS A 300 -3.27 18.87 6.47
CA CYS A 300 -3.02 20.31 6.47
C CYS A 300 -4.13 21.09 7.16
N SER A 301 -3.75 22.27 7.66
CA SER A 301 -4.70 23.23 8.18
C SER A 301 -5.79 23.50 7.16
N GLY A 302 -7.00 23.79 7.66
CA GLY A 302 -8.06 24.25 6.79
C GLY A 302 -7.94 25.70 6.38
N VAL A 303 -6.87 26.37 6.83
CA VAL A 303 -6.59 27.76 6.52
C VAL A 303 -5.12 27.88 6.13
N THR A 304 -4.84 28.68 5.11
CA THR A 304 -3.69 28.50 4.23
C THR A 304 -2.43 29.25 4.67
N PHE A 305 -2.51 30.15 5.64
CA PHE A 305 -1.35 30.98 6.02
C PHE A 305 -0.94 31.84 4.83
N GLN A 306 -1.62 32.97 4.65
CA GLN A 306 -1.52 33.77 3.44
C GLN A 306 -0.28 34.65 3.41
N LYS B 5 17.98 -12.86 -11.53
CA LYS B 5 17.41 -12.87 -10.18
C LYS B 5 15.91 -13.19 -10.26
N VAL B 6 15.39 -13.73 -9.15
CA VAL B 6 14.05 -14.31 -9.10
C VAL B 6 13.31 -13.74 -7.91
N ALA B 7 11.99 -13.62 -8.04
CA ALA B 7 11.16 -13.10 -6.96
C ALA B 7 11.28 -13.97 -5.71
N THR B 8 11.09 -13.35 -4.56
CA THR B 8 11.16 -14.00 -3.26
C THR B 8 9.80 -13.94 -2.60
N VAL B 9 9.28 -15.10 -2.20
CA VAL B 9 8.08 -15.13 -1.36
C VAL B 9 8.55 -14.98 0.09
N GLN B 10 8.21 -13.85 0.70
CA GLN B 10 8.88 -13.43 1.93
C GLN B 10 8.28 -14.05 3.19
N SER B 11 7.93 -15.34 3.12
CA SER B 11 7.72 -16.12 4.33
C SER B 11 9.08 -16.39 5.00
N LYS B 12 9.05 -17.14 6.10
CA LYS B 12 10.27 -17.66 6.72
C LYS B 12 10.21 -19.18 6.60
N MET B 13 10.98 -19.71 5.66
CA MET B 13 10.99 -21.15 5.38
C MET B 13 12.26 -21.78 5.92
N SER B 14 12.13 -23.00 6.44
CA SER B 14 13.27 -23.72 7.00
C SER B 14 13.52 -25.02 6.25
#